data_5TYN
#
_entry.id   5TYN
#
_cell.length_a   49.705
_cell.length_b   101.071
_cell.length_c   222.604
_cell.angle_alpha   90.00
_cell.angle_beta   90.00
_cell.angle_gamma   90.00
#
_symmetry.space_group_name_H-M   'C 2 2 21'
#
loop_
_entity.id
_entity.type
_entity.pdbx_description
1 polymer 'Carboxylic ester hydrolase'
2 non-polymer '[3-bromo-5-(pyrrolidin-1-yl)phenyl]borinic acid'
3 water water
#
_entity_poly.entity_id   1
_entity_poly.type   'polypeptide(L)'
_entity_poly.pdbx_seq_one_letter_code
;MHHHHHHMNFNVSLMEKLKWKIKCIENKFLNYRLTTNETVVAETEYGKVKGVKRLTVYDDSYYSFEGIPYAQPPVGELRF
KAPQRPTPWAGVRDCCNHKDKSVQVDFITGKVCGSEDCLYLSVYTNNLNPETKRPVLVYIHGGGFIIGENHRDMYGPDYF
IKKDVVLINIQYRLGALGFLSLNSEDLNVPGNAGLKDQVMALRWIKNNCANFGGNPDNITVFGESAGAASTHYMMLTEQT
RGLFHRGILMSGNAICPWANTQCQHRAFTLAKLAGYKGEDNDKDVLEFLMKAKPQDLIKLEEKVLTLEERTNKVMFPFGP
TVEPYQTADCVLPKHPREMVKTAWGNSIPTMMGNTSYEGLFFTSILKQMPLLVKELETCVNFVPSELADAERTAPETLEM
GAKIKKAHVTGETPTADNFMDLCSHFYFWFPMHRLLQLRFNHTSGTPVYLYRFDFDSEDLINPYRIMRSGRGVKGVSHTD
ELTYFFWNQLAKRMPKESREYKTIERMTGIWTQFATTGNPYSNEIEGMENVSWDPIEKSDEVYKCLNISDELKMIDVPEM
GKIKQWESMFEKHRDLF
;
_entity_poly.pdbx_strand_id   A
#
loop_
_chem_comp.id
_chem_comp.type
_chem_comp.name
_chem_comp.formula
7NS non-polymer '[3-bromo-5-(pyrrolidin-1-yl)phenyl]borinic acid' 'C10 H13 B Br N O'
#
# COMPACT_ATOMS: atom_id res chain seq x y z
N PHE A 10 -12.13 -13.51 -15.72
CA PHE A 10 -11.82 -12.56 -14.67
C PHE A 10 -12.34 -11.15 -14.98
N ASN A 11 -13.21 -11.05 -15.99
CA ASN A 11 -13.85 -9.78 -16.29
C ASN A 11 -14.99 -9.51 -15.32
N VAL A 12 -14.94 -8.34 -14.70
CA VAL A 12 -16.04 -7.85 -13.86
C VAL A 12 -17.35 -7.93 -14.62
N SER A 13 -18.44 -8.34 -13.94
CA SER A 13 -19.72 -8.53 -14.61
C SER A 13 -20.25 -7.27 -15.32
N LEU A 14 -21.02 -7.47 -16.38
CA LEU A 14 -21.74 -6.36 -17.02
C LEU A 14 -22.58 -5.59 -16.01
N MET A 15 -23.20 -6.30 -15.07
CA MET A 15 -23.96 -5.67 -14.00
C MET A 15 -23.12 -4.68 -13.20
N GLU A 16 -21.93 -5.10 -12.78
CA GLU A 16 -21.11 -4.21 -11.96
C GLU A 16 -20.48 -3.10 -12.81
N LYS A 17 -20.21 -3.39 -14.08
CA LYS A 17 -19.69 -2.36 -14.99
C LYS A 17 -20.67 -1.22 -15.13
N LEU A 18 -21.96 -1.55 -15.23
CA LEU A 18 -22.99 -0.54 -15.37
C LEU A 18 -23.22 0.22 -14.06
N LYS A 19 -23.26 -0.51 -12.94
CA LYS A 19 -23.33 0.14 -11.64
C LYS A 19 -22.17 1.12 -11.49
N TRP A 20 -20.99 0.68 -11.91
CA TRP A 20 -19.79 1.49 -11.80
C TRP A 20 -19.88 2.72 -12.72
N LYS A 21 -20.35 2.54 -13.95
CA LYS A 21 -20.46 3.69 -14.84
C LYS A 21 -21.42 4.72 -14.23
N ILE A 22 -22.52 4.23 -13.69
CA ILE A 22 -23.50 5.11 -13.05
C ILE A 22 -22.87 5.83 -11.87
N LYS A 23 -22.07 5.13 -11.07
CA LYS A 23 -21.45 5.76 -9.92
C LYS A 23 -20.39 6.78 -10.33
N CYS A 24 -19.71 6.55 -11.45
CA CYS A 24 -18.70 7.50 -11.92
C CYS A 24 -19.36 8.81 -12.33
N ILE A 25 -20.52 8.71 -12.96
CA ILE A 25 -21.28 9.91 -13.32
C ILE A 25 -21.77 10.65 -12.07
N GLU A 26 -22.32 9.91 -11.11
CA GLU A 26 -22.72 10.51 -9.84
C GLU A 26 -21.54 11.23 -9.19
N ASN A 27 -20.36 10.62 -9.26
CA ASN A 27 -19.16 11.21 -8.66
C ASN A 27 -18.80 12.54 -9.30
N LYS A 28 -18.89 12.62 -10.62
CA LYS A 28 -18.60 13.86 -11.33
C LYS A 28 -19.52 14.99 -10.87
N PHE A 29 -20.81 14.69 -10.76
CA PHE A 29 -21.77 15.70 -10.35
C PHE A 29 -21.64 16.10 -8.88
N LEU A 30 -21.38 15.12 -8.00
CA LEU A 30 -21.16 15.43 -6.60
C LEU A 30 -19.91 16.28 -6.41
N ASN A 31 -18.86 15.96 -7.16
CA ASN A 31 -17.61 16.73 -7.08
C ASN A 31 -17.85 18.20 -7.46
N TYR A 32 -18.60 18.40 -8.53
CA TYR A 32 -18.96 19.75 -8.96
C TYR A 32 -19.77 20.45 -7.85
N ARG A 33 -20.78 19.75 -7.34
CA ARG A 33 -21.66 20.33 -6.33
C ARG A 33 -20.93 20.75 -5.07
N LEU A 34 -19.88 20.01 -4.71
CA LEU A 34 -19.18 20.28 -3.46
C LEU A 34 -17.97 21.21 -3.65
N THR A 35 -17.79 21.73 -4.86
CA THR A 35 -16.76 22.74 -5.14
C THR A 35 -17.29 24.09 -4.68
N THR A 36 -16.40 24.97 -4.24
CA THR A 36 -16.81 26.30 -3.84
C THR A 36 -16.05 27.33 -4.67
N ASN A 37 -16.40 28.60 -4.50
CA ASN A 37 -15.67 29.69 -5.13
C ASN A 37 -14.45 30.17 -4.37
N GLU A 38 -14.20 29.59 -3.19
CA GLU A 38 -13.14 30.10 -2.32
C GLU A 38 -11.81 29.50 -2.72
N THR A 39 -11.15 30.14 -3.68
CA THR A 39 -9.80 29.78 -4.06
C THR A 39 -8.80 30.43 -3.10
N VAL A 40 -7.65 29.80 -2.94
CA VAL A 40 -6.58 30.32 -2.09
C VAL A 40 -5.25 30.08 -2.78
N VAL A 41 -4.26 30.91 -2.48
CA VAL A 41 -2.91 30.70 -3.00
C VAL A 41 -1.95 30.37 -1.87
N ALA A 42 -1.15 29.33 -2.07
CA ALA A 42 -0.11 29.01 -1.11
C ALA A 42 1.26 29.07 -1.79
N GLU A 43 2.29 29.30 -0.99
CA GLU A 43 3.67 29.29 -1.44
C GLU A 43 4.25 27.88 -1.44
N THR A 44 5.11 27.60 -2.40
CA THR A 44 5.98 26.42 -2.33
C THR A 44 7.38 26.79 -2.78
N GLU A 45 8.33 25.90 -2.54
CA GLU A 45 9.68 26.08 -3.06
C GLU A 45 9.71 26.36 -4.56
N TYR A 46 8.75 25.82 -5.31
CA TYR A 46 8.78 25.85 -6.77
C TYR A 46 7.90 26.93 -7.39
N GLY A 47 7.20 27.68 -6.54
CA GLY A 47 6.27 28.71 -6.99
C GLY A 47 4.92 28.60 -6.31
N LYS A 48 4.06 29.56 -6.57
CA LYS A 48 2.76 29.64 -5.93
C LYS A 48 1.77 28.64 -6.51
N VAL A 49 0.95 28.04 -5.65
CA VAL A 49 -0.08 27.13 -6.09
C VAL A 49 -1.45 27.65 -5.68
N LYS A 50 -2.42 27.50 -6.57
CA LYS A 50 -3.78 27.92 -6.29
C LYS A 50 -4.65 26.70 -5.97
N GLY A 51 -5.26 26.68 -4.80
CA GLY A 51 -6.17 25.61 -4.44
C GLY A 51 -7.58 26.14 -4.24
N VAL A 52 -8.47 25.30 -3.73
CA VAL A 52 -9.89 25.68 -3.60
C VAL A 52 -10.54 24.92 -2.45
N LYS A 53 -11.46 25.58 -1.74
CA LYS A 53 -12.23 24.92 -0.70
C LYS A 53 -13.25 23.98 -1.31
N ARG A 54 -13.40 22.78 -0.73
CA ARG A 54 -14.48 21.86 -1.09
C ARG A 54 -15.29 21.50 0.13
N LEU A 55 -16.49 20.99 -0.13
CA LEU A 55 -17.41 20.59 0.92
C LEU A 55 -17.39 19.07 1.09
N THR A 56 -17.95 18.58 2.19
CA THR A 56 -18.17 17.14 2.38
C THR A 56 -19.66 16.89 2.63
N VAL A 57 -20.08 15.62 2.53
CA VAL A 57 -21.49 15.31 2.71
C VAL A 57 -21.91 15.39 4.18
N TYR A 58 -20.94 15.56 5.07
CA TYR A 58 -21.23 15.72 6.49
C TYR A 58 -21.23 17.20 6.88
N ASP A 59 -21.30 18.07 5.87
CA ASP A 59 -21.31 19.53 6.03
C ASP A 59 -20.05 20.07 6.68
N ASP A 60 -18.91 19.43 6.39
CA ASP A 60 -17.61 19.99 6.70
C ASP A 60 -17.02 20.61 5.43
N SER A 61 -15.85 21.23 5.54
CA SER A 61 -15.17 21.79 4.37
C SER A 61 -13.67 21.75 4.57
N TYR A 62 -12.93 21.81 3.46
CA TYR A 62 -11.49 21.74 3.54
C TYR A 62 -10.86 22.42 2.33
N TYR A 63 -9.64 22.89 2.51
CA TYR A 63 -8.86 23.42 1.40
C TYR A 63 -8.18 22.26 0.67
N SER A 64 -8.23 22.32 -0.65
CA SER A 64 -7.80 21.23 -1.52
C SER A 64 -6.80 21.73 -2.56
N PHE A 65 -5.59 21.16 -2.54
CA PHE A 65 -4.60 21.44 -3.59
C PHE A 65 -4.28 20.11 -4.25
N GLU A 66 -4.52 20.00 -5.55
CA GLU A 66 -4.29 18.75 -6.26
C GLU A 66 -3.42 19.02 -7.48
N GLY A 67 -2.66 18.03 -7.91
CA GLY A 67 -1.79 18.22 -9.05
C GLY A 67 -0.56 19.05 -8.76
N ILE A 68 -0.04 18.97 -7.54
CA ILE A 68 1.25 19.58 -7.24
C ILE A 68 2.36 18.65 -7.71
N PRO A 69 3.20 19.11 -8.66
CA PRO A 69 4.23 18.20 -9.15
C PRO A 69 5.38 18.10 -8.17
N TYR A 70 5.89 16.90 -7.94
CA TYR A 70 7.07 16.75 -7.11
C TYR A 70 8.28 16.27 -7.90
N ALA A 71 8.07 16.00 -9.19
CA ALA A 71 9.16 15.57 -10.09
C ALA A 71 8.84 15.98 -11.53
N GLN A 72 9.84 15.90 -12.41
CA GLN A 72 9.63 16.07 -13.84
C GLN A 72 8.73 14.96 -14.36
N PRO A 73 7.80 15.28 -15.28
CA PRO A 73 7.08 14.20 -15.96
C PRO A 73 8.06 13.14 -16.50
N PRO A 74 7.90 11.88 -16.08
CA PRO A 74 8.89 10.86 -16.42
C PRO A 74 8.67 10.31 -17.82
N VAL A 75 8.65 11.21 -18.81
CA VAL A 75 8.31 10.82 -20.17
C VAL A 75 9.56 10.86 -21.03
N GLY A 76 9.45 10.26 -22.22
CA GLY A 76 10.56 10.21 -23.16
C GLY A 76 11.77 9.54 -22.56
N GLU A 77 12.91 10.22 -22.63
CA GLU A 77 14.17 9.65 -22.13
C GLU A 77 14.18 9.42 -20.61
N LEU A 78 13.20 9.98 -19.92
CA LEU A 78 13.09 9.81 -18.47
C LEU A 78 12.30 8.55 -18.10
N ARG A 79 11.70 7.91 -19.09
CA ARG A 79 10.99 6.65 -18.84
C ARG A 79 11.94 5.63 -18.26
N PHE A 80 11.49 4.93 -17.21
CA PHE A 80 12.24 3.93 -16.46
C PHE A 80 13.38 4.50 -15.63
N LYS A 81 13.54 5.81 -15.58
CA LYS A 81 14.66 6.41 -14.85
C LYS A 81 14.22 6.97 -13.51
N ALA A 82 15.17 7.17 -12.61
CA ALA A 82 14.93 7.90 -11.37
C ALA A 82 14.28 9.25 -11.66
N PRO A 83 13.37 9.68 -10.78
CA PRO A 83 12.72 10.98 -10.94
C PRO A 83 13.72 12.13 -10.81
N GLN A 84 13.51 13.23 -11.53
CA GLN A 84 14.31 14.44 -11.36
C GLN A 84 13.42 15.53 -10.76
N ARG A 85 14.03 16.50 -10.07
CA ARG A 85 13.27 17.58 -9.46
C ARG A 85 12.50 18.33 -10.54
N PRO A 86 11.29 18.79 -10.22
CA PRO A 86 10.51 19.49 -11.24
C PRO A 86 11.06 20.90 -11.49
N THR A 87 10.73 21.46 -12.65
CA THR A 87 11.05 22.84 -13.01
C THR A 87 10.15 23.82 -12.28
N PRO A 88 10.73 24.88 -11.69
CA PRO A 88 9.87 25.86 -11.00
C PRO A 88 9.15 26.78 -11.98
N TRP A 89 8.22 27.57 -11.48
CA TRP A 89 7.42 28.41 -12.35
C TRP A 89 7.28 29.78 -11.72
N ALA A 90 7.16 30.79 -12.57
CA ALA A 90 6.71 32.08 -12.11
C ALA A 90 5.19 32.02 -12.12
N GLY A 91 4.54 33.00 -11.53
CA GLY A 91 3.10 33.04 -11.58
C GLY A 91 2.52 32.00 -10.65
N VAL A 92 1.26 31.68 -10.88
CA VAL A 92 0.54 30.76 -10.03
C VAL A 92 0.14 29.51 -10.80
N ARG A 93 0.49 28.34 -10.26
CA ARG A 93 0.07 27.08 -10.84
C ARG A 93 -1.33 26.71 -10.39
N ASP A 94 -2.21 26.37 -11.33
CA ASP A 94 -3.56 25.94 -11.00
C ASP A 94 -3.55 24.54 -10.39
N CYS A 95 -3.96 24.45 -9.13
CA CYS A 95 -4.03 23.15 -8.43
C CYS A 95 -5.44 22.86 -7.95
N CYS A 96 -6.42 23.30 -8.74
CA CYS A 96 -7.83 23.15 -8.38
C CYS A 96 -8.45 21.93 -9.04
N ASN A 97 -7.61 21.10 -9.65
CA ASN A 97 -8.06 19.88 -10.32
C ASN A 97 -7.03 18.79 -10.15
N HIS A 98 -7.48 17.54 -10.14
CA HIS A 98 -6.52 16.45 -10.01
C HIS A 98 -5.82 16.20 -11.35
N LYS A 99 -4.71 15.50 -11.31
CA LYS A 99 -4.03 15.06 -12.52
C LYS A 99 -4.34 13.59 -12.77
N ASP A 100 -3.83 13.05 -13.88
N ASP A 100 -3.90 13.03 -13.90
CA ASP A 100 -4.00 11.65 -14.24
CA ASP A 100 -4.24 11.63 -14.15
C ASP A 100 -3.38 10.70 -13.22
C ASP A 100 -3.41 10.71 -13.28
N LYS A 101 -3.89 9.47 -13.15
CA LYS A 101 -3.23 8.43 -12.39
C LYS A 101 -2.17 7.80 -13.28
N SER A 102 -1.25 7.06 -12.66
CA SER A 102 -0.25 6.29 -13.38
C SER A 102 -0.87 5.26 -14.34
N VAL A 103 -0.22 5.01 -15.47
CA VAL A 103 -0.75 4.06 -16.46
C VAL A 103 -1.03 2.71 -15.80
N GLN A 104 -2.24 2.19 -16.00
CA GLN A 104 -2.65 0.99 -15.29
C GLN A 104 -3.90 0.40 -15.91
N VAL A 105 -4.19 -0.85 -15.59
CA VAL A 105 -5.42 -1.47 -16.06
C VAL A 105 -6.56 -1.14 -15.11
N ASP A 106 -7.60 -0.48 -15.60
CA ASP A 106 -8.82 -0.28 -14.81
C ASP A 106 -9.45 -1.64 -14.54
N PHE A 107 -9.63 -2.00 -13.27
CA PHE A 107 -10.11 -3.35 -13.01
C PHE A 107 -11.59 -3.56 -13.30
N ILE A 108 -12.39 -2.50 -13.30
CA ILE A 108 -13.81 -2.65 -13.68
C ILE A 108 -13.96 -2.75 -15.19
N THR A 109 -13.36 -1.80 -15.90
CA THR A 109 -13.57 -1.73 -17.35
C THR A 109 -12.71 -2.74 -18.10
N GLY A 110 -11.58 -3.10 -17.50
CA GLY A 110 -10.63 -4.00 -18.14
C GLY A 110 -9.71 -3.28 -19.10
N LYS A 111 -9.89 -1.97 -19.24
CA LYS A 111 -9.12 -1.20 -20.21
C LYS A 111 -7.98 -0.45 -19.54
N VAL A 112 -6.94 -0.15 -20.31
CA VAL A 112 -5.83 0.63 -19.77
C VAL A 112 -6.23 2.09 -19.66
N CYS A 113 -5.86 2.71 -18.54
CA CYS A 113 -6.15 4.11 -18.28
C CYS A 113 -4.93 4.82 -17.68
N GLY A 114 -5.01 6.15 -17.54
CA GLY A 114 -3.93 6.89 -16.90
C GLY A 114 -2.93 7.53 -17.85
N SER A 115 -1.84 8.03 -17.28
CA SER A 115 -0.86 8.73 -18.10
C SER A 115 0.54 8.53 -17.56
N GLU A 116 1.54 8.64 -18.42
CA GLU A 116 2.89 8.62 -17.91
C GLU A 116 3.13 9.85 -17.05
N ASP A 117 2.39 10.93 -17.32
CA ASP A 117 2.55 12.19 -16.60
C ASP A 117 1.73 12.13 -15.32
N CYS A 118 2.29 11.52 -14.26
CA CYS A 118 1.52 11.18 -13.08
C CYS A 118 2.18 11.50 -11.74
N LEU A 119 3.36 12.13 -11.76
CA LEU A 119 4.11 12.35 -10.52
C LEU A 119 3.61 13.60 -9.78
N TYR A 120 2.49 13.43 -9.08
CA TYR A 120 1.82 14.53 -8.38
C TYR A 120 1.43 14.15 -6.95
N LEU A 121 1.23 15.15 -6.10
CA LEU A 121 0.65 14.91 -4.78
C LEU A 121 -0.45 15.94 -4.51
N SER A 122 -1.32 15.61 -3.55
CA SER A 122 -2.45 16.45 -3.16
C SER A 122 -2.37 16.78 -1.67
N VAL A 123 -2.75 18.01 -1.33
CA VAL A 123 -2.65 18.48 0.05
C VAL A 123 -3.99 19.01 0.52
N TYR A 124 -4.41 18.60 1.72
CA TYR A 124 -5.73 18.93 2.28
C TYR A 124 -5.66 19.34 3.75
N THR A 125 -6.43 20.37 4.11
CA THR A 125 -6.52 20.79 5.52
C THR A 125 -7.78 21.61 5.75
N ASN A 126 -8.38 21.50 6.94
CA ASN A 126 -9.58 22.29 7.21
C ASN A 126 -9.29 23.76 7.58
N ASN A 127 -8.01 24.09 7.71
CA ASN A 127 -7.58 25.44 8.11
C ASN A 127 -6.18 25.72 7.60
N LEU A 128 -6.06 26.64 6.66
CA LEU A 128 -4.77 26.97 6.06
C LEU A 128 -3.87 27.82 6.95
N ASN A 129 -4.47 28.48 7.94
CA ASN A 129 -3.70 29.25 8.90
C ASN A 129 -4.02 28.87 10.34
N PRO A 130 -3.66 27.64 10.73
CA PRO A 130 -3.90 27.24 12.11
C PRO A 130 -2.99 28.04 13.07
N GLU A 131 -3.43 28.17 14.31
CA GLU A 131 -2.67 29.00 15.25
C GLU A 131 -1.46 28.22 15.78
N THR A 132 -1.50 26.90 15.66
CA THR A 132 -0.32 26.07 15.89
C THR A 132 -0.09 25.13 14.71
N LYS A 133 1.16 24.78 14.45
CA LYS A 133 1.48 23.89 13.33
C LYS A 133 0.96 22.49 13.61
N ARG A 134 0.52 21.80 12.57
CA ARG A 134 -0.28 20.59 12.72
C ARG A 134 0.44 19.33 12.32
N PRO A 135 0.02 18.18 12.91
CA PRO A 135 0.54 16.90 12.41
C PRO A 135 0.25 16.74 10.91
N VAL A 136 1.24 16.21 10.21
CA VAL A 136 1.16 15.98 8.78
C VAL A 136 1.09 14.48 8.52
N LEU A 137 0.00 14.03 7.92
CA LEU A 137 -0.13 12.62 7.60
C LEU A 137 0.02 12.46 6.10
N VAL A 138 0.89 11.53 5.70
CA VAL A 138 1.18 11.28 4.28
C VAL A 138 0.72 9.87 3.92
N TYR A 139 -0.30 9.77 3.08
CA TYR A 139 -0.84 8.47 2.70
C TYR A 139 -0.26 7.99 1.37
N ILE A 140 0.28 6.77 1.39
CA ILE A 140 0.73 6.08 0.19
C ILE A 140 -0.24 4.96 -0.12
N HIS A 141 -0.88 5.04 -1.27
CA HIS A 141 -1.92 4.07 -1.63
C HIS A 141 -1.36 2.70 -2.00
N GLY A 142 -2.18 1.67 -1.81
CA GLY A 142 -1.86 0.32 -2.25
C GLY A 142 -2.45 0.03 -3.62
N GLY A 143 -2.44 -1.26 -3.99
CA GLY A 143 -2.75 -1.67 -5.34
C GLY A 143 -1.65 -2.52 -5.96
N GLY A 144 -0.91 -3.25 -5.12
CA GLY A 144 0.10 -4.19 -5.56
C GLY A 144 1.24 -3.62 -6.41
N PHE A 145 1.44 -2.31 -6.30
CA PHE A 145 2.37 -1.54 -7.13
C PHE A 145 1.96 -1.55 -8.61
N ILE A 146 0.71 -1.92 -8.88
CA ILE A 146 0.24 -1.96 -10.28
C ILE A 146 -1.03 -1.16 -10.56
N ILE A 147 -1.81 -0.81 -9.53
CA ILE A 147 -2.99 0.04 -9.73
C ILE A 147 -3.02 1.05 -8.60
N GLY A 148 -3.90 2.04 -8.71
CA GLY A 148 -4.09 2.99 -7.62
C GLY A 148 -3.89 4.42 -8.04
N GLU A 149 -4.28 5.36 -7.17
CA GLU A 149 -4.35 6.78 -7.54
C GLU A 149 -4.45 7.62 -6.26
N ASN A 150 -4.31 8.95 -6.39
CA ASN A 150 -4.67 9.82 -5.28
C ASN A 150 -5.93 10.62 -5.60
N HIS A 151 -6.72 10.12 -6.55
CA HIS A 151 -8.01 10.74 -6.85
C HIS A 151 -8.98 10.55 -5.71
N ARG A 152 -9.83 11.54 -5.51
CA ARG A 152 -10.73 11.53 -4.38
C ARG A 152 -11.98 10.67 -4.58
N ASP A 153 -12.13 10.10 -5.78
CA ASP A 153 -13.17 9.10 -5.96
C ASP A 153 -12.82 7.78 -5.27
N MET A 154 -11.57 7.66 -4.82
CA MET A 154 -11.15 6.49 -4.04
C MET A 154 -10.53 6.86 -2.69
N TYR A 155 -9.80 7.97 -2.64
CA TYR A 155 -9.10 8.39 -1.42
C TYR A 155 -9.44 9.83 -1.03
N GLY A 156 -10.71 10.08 -0.81
CA GLY A 156 -11.19 11.41 -0.45
C GLY A 156 -10.89 11.73 1.00
N PRO A 157 -10.37 12.96 1.25
CA PRO A 157 -9.93 13.36 2.59
C PRO A 157 -11.08 13.75 3.52
N ASP A 158 -12.31 13.50 3.10
CA ASP A 158 -13.47 14.09 3.76
C ASP A 158 -13.62 13.70 5.25
N TYR A 159 -13.13 12.53 5.63
CA TYR A 159 -13.28 12.10 7.02
C TYR A 159 -12.13 12.67 7.87
N PHE A 160 -10.93 12.59 7.30
CA PHE A 160 -9.74 13.04 8.01
C PHE A 160 -9.77 14.53 8.32
N ILE A 161 -10.42 15.32 7.47
CA ILE A 161 -10.35 16.77 7.64
C ILE A 161 -11.30 17.25 8.74
N LYS A 162 -12.07 16.33 9.32
CA LYS A 162 -12.76 16.58 10.60
C LYS A 162 -11.74 16.81 11.72
N LYS A 163 -10.53 16.28 11.53
CA LYS A 163 -9.47 16.42 12.53
C LYS A 163 -8.54 17.56 12.17
N ASP A 164 -7.82 18.10 13.15
CA ASP A 164 -6.94 19.23 12.85
C ASP A 164 -5.55 18.76 12.42
N VAL A 165 -5.49 18.21 11.21
CA VAL A 165 -4.25 17.70 10.64
C VAL A 165 -4.08 18.23 9.21
N VAL A 166 -2.89 18.06 8.66
CA VAL A 166 -2.68 18.23 7.23
C VAL A 166 -2.53 16.84 6.65
N LEU A 167 -3.32 16.53 5.62
CA LEU A 167 -3.29 15.22 4.97
C LEU A 167 -2.75 15.39 3.54
N ILE A 168 -1.79 14.55 3.19
CA ILE A 168 -1.20 14.55 1.85
C ILE A 168 -1.27 13.17 1.22
N ASN A 169 -1.77 13.10 -0.01
CA ASN A 169 -1.91 11.83 -0.73
C ASN A 169 -1.03 11.86 -1.98
N ILE A 170 -0.09 10.93 -2.08
CA ILE A 170 0.83 10.95 -3.22
C ILE A 170 0.50 9.93 -4.30
N GLN A 171 0.98 10.20 -5.51
CA GLN A 171 1.06 9.18 -6.55
C GLN A 171 2.51 8.84 -6.80
N TYR A 172 2.74 7.74 -7.52
CA TYR A 172 4.09 7.23 -7.81
C TYR A 172 3.95 6.27 -9.00
N ARG A 173 5.00 6.08 -9.79
CA ARG A 173 4.85 5.21 -10.97
C ARG A 173 4.55 3.74 -10.62
N LEU A 174 3.63 3.14 -11.39
CA LEU A 174 3.19 1.77 -11.22
C LEU A 174 3.65 0.82 -12.34
N GLY A 175 3.61 -0.48 -12.07
CA GLY A 175 3.85 -1.46 -13.12
C GLY A 175 5.27 -1.41 -13.65
N ALA A 176 5.45 -1.87 -14.89
CA ALA A 176 6.76 -1.85 -15.52
C ALA A 176 7.33 -0.43 -15.65
N LEU A 177 6.45 0.55 -15.82
CA LEU A 177 6.92 1.92 -15.92
C LEU A 177 7.55 2.40 -14.61
N GLY A 178 7.09 1.86 -13.49
CA GLY A 178 7.69 2.19 -12.22
C GLY A 178 8.74 1.21 -11.75
N PHE A 179 8.73 -0.01 -12.28
CA PHE A 179 9.58 -1.02 -11.68
C PHE A 179 10.38 -1.91 -12.64
N LEU A 180 10.57 -1.47 -13.88
CA LEU A 180 11.53 -2.13 -14.76
C LEU A 180 12.91 -2.12 -14.11
N SER A 181 13.68 -3.18 -14.36
CA SER A 181 15.02 -3.30 -13.80
C SER A 181 15.96 -4.07 -14.75
N LEU A 182 17.10 -3.45 -15.08
CA LEU A 182 18.09 -4.07 -15.97
C LEU A 182 19.46 -4.18 -15.30
N ASN A 183 20.14 -5.31 -15.48
CA ASN A 183 21.45 -5.54 -14.87
C ASN A 183 22.54 -4.59 -15.38
N SER A 184 22.47 -4.24 -16.67
CA SER A 184 23.51 -3.45 -17.31
C SER A 184 23.64 -2.06 -16.68
N GLU A 185 24.77 -1.84 -16.02
CA GLU A 185 24.98 -0.62 -15.24
C GLU A 185 25.03 0.63 -16.12
N ASP A 186 25.45 0.47 -17.36
CA ASP A 186 25.55 1.58 -18.31
C ASP A 186 24.19 2.19 -18.67
N LEU A 187 23.10 1.47 -18.37
CA LEU A 187 21.78 1.87 -18.87
C LEU A 187 21.00 2.70 -17.86
N ASN A 188 21.49 2.76 -16.62
CA ASN A 188 20.90 3.57 -15.57
C ASN A 188 19.42 3.25 -15.34
N VAL A 189 19.08 1.97 -15.41
CA VAL A 189 17.75 1.51 -15.02
C VAL A 189 17.93 0.41 -13.98
N PRO A 190 18.35 0.80 -12.76
CA PRO A 190 18.58 -0.21 -11.72
C PRO A 190 17.28 -0.78 -11.13
N GLY A 191 16.17 -0.06 -11.27
CA GLY A 191 14.89 -0.51 -10.74
C GLY A 191 14.35 0.43 -9.67
N ASN A 192 13.15 0.15 -9.18
CA ASN A 192 12.54 0.89 -8.08
C ASN A 192 12.28 2.37 -8.38
N ALA A 193 12.10 2.72 -9.67
CA ALA A 193 11.79 4.10 -9.99
C ALA A 193 10.59 4.59 -9.21
N GLY A 194 9.60 3.72 -9.00
CA GLY A 194 8.39 4.12 -8.29
C GLY A 194 8.59 4.37 -6.80
N LEU A 195 9.52 3.64 -6.18
CA LEU A 195 9.89 3.94 -4.79
C LEU A 195 10.71 5.23 -4.73
N LYS A 196 11.54 5.47 -5.73
CA LYS A 196 12.29 6.73 -5.80
C LYS A 196 11.34 7.92 -6.02
N ASP A 197 10.25 7.69 -6.75
CA ASP A 197 9.18 8.69 -6.80
C ASP A 197 8.67 9.04 -5.40
N GLN A 198 8.43 8.03 -4.58
CA GLN A 198 7.94 8.27 -3.22
C GLN A 198 8.95 9.07 -2.41
N VAL A 199 10.23 8.74 -2.57
CA VAL A 199 11.29 9.47 -1.84
C VAL A 199 11.25 10.95 -2.18
N MET A 200 11.15 11.27 -3.47
N MET A 200 11.16 11.25 -3.47
CA MET A 200 11.13 12.67 -3.87
CA MET A 200 11.06 12.62 -3.94
C MET A 200 9.85 13.39 -3.41
C MET A 200 9.87 13.35 -3.35
N ALA A 201 8.74 12.66 -3.32
CA ALA A 201 7.50 13.22 -2.77
C ALA A 201 7.71 13.54 -1.28
N LEU A 202 8.33 12.62 -0.55
CA LEU A 202 8.58 12.85 0.88
C LEU A 202 9.51 14.04 1.11
N ARG A 203 10.50 14.21 0.23
CA ARG A 203 11.38 15.36 0.35
C ARG A 203 10.61 16.65 0.08
N TRP A 204 9.67 16.63 -0.86
CA TRP A 204 8.83 17.79 -1.12
C TRP A 204 8.03 18.14 0.14
N ILE A 205 7.47 17.11 0.76
CA ILE A 205 6.57 17.31 1.90
C ILE A 205 7.32 17.92 3.07
N LYS A 206 8.48 17.34 3.37
CA LYS A 206 9.37 17.84 4.41
C LYS A 206 9.63 19.35 4.25
N ASN A 207 9.92 19.76 3.02
CA ASN A 207 10.34 21.13 2.78
C ASN A 207 9.20 22.10 2.48
N ASN A 208 7.98 21.59 2.35
CA ASN A 208 6.88 22.47 1.95
C ASN A 208 5.64 22.45 2.85
N CYS A 209 5.50 21.42 3.69
CA CYS A 209 4.27 21.26 4.45
C CYS A 209 4.00 22.43 5.38
N ALA A 210 5.05 23.13 5.81
CA ALA A 210 4.85 24.28 6.69
C ALA A 210 4.04 25.38 6.01
N ASN A 211 4.06 25.41 4.67
CA ASN A 211 3.32 26.43 3.91
C ASN A 211 1.81 26.21 3.97
N PHE A 212 1.39 25.03 4.42
CA PHE A 212 -0.02 24.67 4.46
C PHE A 212 -0.45 24.45 5.92
N GLY A 213 0.40 24.88 6.83
CA GLY A 213 0.11 24.84 8.25
C GLY A 213 0.62 23.59 8.92
N GLY A 214 1.41 22.80 8.20
CA GLY A 214 1.93 21.56 8.76
C GLY A 214 3.23 21.72 9.53
N ASN A 215 3.44 20.83 10.51
CA ASN A 215 4.66 20.81 11.30
C ASN A 215 5.68 19.86 10.66
N PRO A 216 6.75 20.41 10.07
CA PRO A 216 7.75 19.56 9.40
C PRO A 216 8.53 18.66 10.36
N ASP A 217 8.41 18.91 11.65
CA ASP A 217 9.04 18.05 12.65
C ASP A 217 8.08 17.00 13.20
N ASN A 218 6.89 16.91 12.63
CA ASN A 218 5.92 15.91 13.06
C ASN A 218 5.14 15.32 11.90
N ILE A 219 5.81 14.48 11.12
CA ILE A 219 5.24 13.86 9.93
C ILE A 219 5.02 12.36 10.14
N THR A 220 3.84 11.89 9.77
CA THR A 220 3.53 10.48 9.83
C THR A 220 3.27 9.94 8.44
N VAL A 221 3.98 8.89 8.05
CA VAL A 221 3.73 8.23 6.77
C VAL A 221 2.91 6.97 7.05
N PHE A 222 1.87 6.75 6.26
CA PHE A 222 1.06 5.54 6.41
C PHE A 222 0.55 5.08 5.05
N GLY A 223 0.22 3.80 4.97
CA GLY A 223 -0.32 3.24 3.75
C GLY A 223 -0.87 1.86 4.01
N GLU A 224 -1.69 1.38 3.08
CA GLU A 224 -2.32 0.07 3.21
C GLU A 224 -1.88 -0.82 2.04
N SER A 225 -1.70 -2.11 2.30
CA SER A 225 -1.28 -3.06 1.25
C SER A 225 0.07 -2.64 0.62
N ALA A 226 0.13 -2.41 -0.69
CA ALA A 226 1.41 -2.01 -1.29
C ALA A 226 1.83 -0.64 -0.73
N GLY A 227 0.85 0.12 -0.22
CA GLY A 227 1.13 1.37 0.46
C GLY A 227 1.78 1.16 1.81
N ALA A 228 1.47 0.05 2.47
CA ALA A 228 2.13 -0.33 3.71
C ALA A 228 3.55 -0.82 3.43
N ALA A 229 3.71 -1.66 2.40
CA ALA A 229 5.06 -2.06 2.00
C ALA A 229 5.89 -0.83 1.64
N SER A 230 5.29 0.11 0.89
CA SER A 230 5.97 1.37 0.56
C SER A 230 6.38 2.15 1.80
N THR A 231 5.46 2.29 2.74
CA THR A 231 5.76 2.99 3.98
C THR A 231 6.95 2.34 4.66
N HIS A 232 6.92 1.01 4.75
CA HIS A 232 8.05 0.27 5.32
C HIS A 232 9.34 0.52 4.54
N TYR A 233 9.30 0.43 3.21
CA TYR A 233 10.48 0.79 2.40
C TYR A 233 11.00 2.18 2.73
N MET A 234 10.09 3.13 2.91
CA MET A 234 10.50 4.48 3.26
C MET A 234 11.11 4.55 4.66
N MET A 235 10.79 3.57 5.50
CA MET A 235 11.40 3.50 6.84
C MET A 235 12.72 2.73 6.82
N LEU A 236 12.98 1.98 5.75
CA LEU A 236 14.20 1.17 5.64
C LEU A 236 15.36 1.90 4.94
N THR A 237 15.05 2.63 3.87
CA THR A 237 16.08 3.20 3.01
C THR A 237 16.81 4.39 3.65
N GLU A 238 18.12 4.42 3.48
CA GLU A 238 18.92 5.55 3.96
C GLU A 238 18.53 6.88 3.29
N GLN A 239 17.90 6.81 2.11
CA GLN A 239 17.54 8.02 1.36
C GLN A 239 16.62 8.96 2.15
N THR A 240 15.87 8.40 3.08
CA THR A 240 14.84 9.18 3.74
C THR A 240 15.14 9.44 5.21
N ARG A 241 16.35 9.08 5.65
CA ARG A 241 16.71 9.15 7.06
C ARG A 241 16.21 10.44 7.73
N GLY A 242 15.39 10.27 8.77
CA GLY A 242 14.87 11.39 9.53
C GLY A 242 13.93 12.35 8.83
N LEU A 243 13.39 11.95 7.67
CA LEU A 243 12.43 12.80 6.96
C LEU A 243 11.06 12.81 7.64
N PHE A 244 10.80 11.82 8.49
CA PHE A 244 9.53 11.76 9.19
C PHE A 244 9.65 11.00 10.53
N HIS A 245 8.55 10.93 11.27
CA HIS A 245 8.62 10.70 12.71
C HIS A 245 7.71 9.64 13.29
N ARG A 246 6.75 9.16 12.49
CA ARG A 246 5.94 8.00 12.85
C ARG A 246 5.65 7.25 11.57
N GLY A 247 5.36 5.96 11.72
CA GLY A 247 4.98 5.11 10.59
C GLY A 247 3.84 4.17 10.97
N ILE A 248 2.90 3.98 10.05
CA ILE A 248 1.83 3.04 10.23
C ILE A 248 1.76 2.11 9.03
N LEU A 249 1.98 0.82 9.30
CA LEU A 249 1.89 -0.23 8.28
C LEU A 249 0.55 -0.93 8.35
N MET A 250 -0.32 -0.68 7.37
CA MET A 250 -1.65 -1.29 7.36
C MET A 250 -1.73 -2.46 6.38
N SER A 251 -1.74 -3.68 6.92
CA SER A 251 -1.84 -4.92 6.13
C SER A 251 -0.76 -5.04 5.06
N GLY A 252 0.49 -4.86 5.49
CA GLY A 252 1.63 -5.08 4.62
C GLY A 252 2.94 -4.56 5.17
N ASN A 253 4.03 -5.05 4.60
CA ASN A 253 5.36 -4.56 4.91
C ASN A 253 6.28 -5.09 3.83
N ALA A 254 7.57 -4.74 3.91
CA ALA A 254 8.48 -5.06 2.82
C ALA A 254 8.92 -6.52 2.82
N ILE A 255 8.64 -7.23 3.90
CA ILE A 255 9.02 -8.64 4.03
C ILE A 255 7.96 -9.57 3.42
N CYS A 256 6.78 -9.04 3.16
CA CYS A 256 5.74 -9.79 2.46
C CYS A 256 6.27 -10.35 1.14
N PRO A 257 5.91 -11.61 0.81
CA PRO A 257 6.44 -12.26 -0.39
C PRO A 257 6.02 -11.56 -1.68
N TRP A 258 4.87 -10.88 -1.64
CA TRP A 258 4.35 -10.17 -2.81
C TRP A 258 4.99 -8.78 -2.98
N ALA A 259 5.75 -8.32 -1.98
CA ALA A 259 6.17 -6.92 -1.91
C ALA A 259 7.53 -6.67 -2.58
N ASN A 260 8.17 -7.73 -3.08
CA ASN A 260 9.50 -7.64 -3.74
C ASN A 260 9.79 -8.85 -4.55
N THR A 261 10.54 -8.61 -5.62
CA THR A 261 10.78 -9.65 -6.62
C THR A 261 12.04 -9.31 -7.40
N GLN A 262 12.80 -10.33 -7.80
CA GLN A 262 13.96 -10.09 -8.64
C GLN A 262 13.49 -10.22 -10.10
N CYS A 263 13.29 -9.07 -10.75
CA CYS A 263 12.58 -9.06 -12.03
C CYS A 263 13.46 -8.66 -13.21
N GLN A 264 14.77 -8.74 -13.04
CA GLN A 264 15.71 -8.29 -14.08
C GLN A 264 15.58 -9.06 -15.39
N HIS A 265 15.14 -10.32 -15.29
N HIS A 265 15.16 -10.32 -15.32
CA HIS A 265 15.04 -11.18 -16.45
CA HIS A 265 15.07 -11.14 -16.52
C HIS A 265 13.74 -10.97 -17.22
C HIS A 265 13.76 -10.89 -17.28
N ARG A 266 12.78 -10.29 -16.60
CA ARG A 266 11.45 -10.17 -17.17
C ARG A 266 11.26 -9.00 -18.16
N ALA A 267 12.22 -8.08 -18.21
CA ALA A 267 12.14 -7.01 -19.22
C ALA A 267 12.11 -7.60 -20.63
N PHE A 268 13.04 -8.51 -20.92
CA PHE A 268 13.07 -9.18 -22.21
C PHE A 268 11.72 -9.84 -22.56
N THR A 269 11.16 -10.56 -21.60
CA THR A 269 9.86 -11.18 -21.79
C THR A 269 8.80 -10.18 -22.20
N LEU A 270 8.75 -9.06 -21.49
CA LEU A 270 7.80 -8.00 -21.79
C LEU A 270 8.02 -7.47 -23.21
N ALA A 271 9.28 -7.16 -23.52
CA ALA A 271 9.64 -6.73 -24.85
C ALA A 271 9.12 -7.71 -25.89
N LYS A 272 9.38 -9.00 -25.67
CA LYS A 272 8.96 -10.03 -26.62
C LYS A 272 7.45 -10.14 -26.76
N LEU A 273 6.71 -9.92 -25.67
CA LEU A 273 5.25 -9.91 -25.72
C LEU A 273 4.74 -8.78 -26.62
N ALA A 274 5.48 -7.67 -26.62
CA ALA A 274 5.11 -6.45 -27.32
C ALA A 274 5.63 -6.37 -28.75
N GLY A 275 6.30 -7.41 -29.22
CA GLY A 275 6.69 -7.48 -30.62
C GLY A 275 8.18 -7.35 -30.90
N TYR A 276 8.98 -7.29 -29.84
CA TYR A 276 10.42 -7.09 -29.99
C TYR A 276 11.08 -8.24 -30.79
N LYS A 277 11.91 -7.88 -31.75
CA LYS A 277 12.67 -8.84 -32.54
C LYS A 277 14.17 -8.57 -32.37
N GLY A 278 14.91 -9.56 -31.90
CA GLY A 278 16.30 -9.36 -31.55
C GLY A 278 16.70 -10.29 -30.41
N GLU A 279 17.87 -10.04 -29.83
CA GLU A 279 18.40 -10.92 -28.79
C GLU A 279 18.13 -10.40 -27.39
N ASP A 280 18.29 -11.28 -26.40
CA ASP A 280 18.18 -10.84 -25.00
C ASP A 280 19.44 -10.12 -24.60
N ASN A 281 19.42 -8.82 -24.86
CA ASN A 281 20.51 -7.90 -24.60
C ASN A 281 19.89 -6.66 -23.97
N ASP A 282 20.40 -6.26 -22.79
CA ASP A 282 19.76 -5.19 -22.01
C ASP A 282 19.58 -3.90 -22.82
N LYS A 283 20.58 -3.51 -23.60
CA LYS A 283 20.49 -2.22 -24.26
C LYS A 283 19.47 -2.28 -25.41
N ASP A 284 19.47 -3.36 -26.17
CA ASP A 284 18.51 -3.55 -27.24
C ASP A 284 17.09 -3.62 -26.70
N VAL A 285 16.93 -4.32 -25.58
CA VAL A 285 15.62 -4.47 -24.96
C VAL A 285 15.11 -3.12 -24.46
N LEU A 286 15.97 -2.38 -23.77
CA LEU A 286 15.61 -1.05 -23.27
C LEU A 286 15.17 -0.13 -24.40
N GLU A 287 15.93 -0.11 -25.49
CA GLU A 287 15.59 0.78 -26.60
C GLU A 287 14.22 0.45 -27.20
N PHE A 288 13.90 -0.84 -27.29
CA PHE A 288 12.56 -1.21 -27.73
C PHE A 288 11.51 -0.72 -26.74
N LEU A 289 11.77 -0.94 -25.46
CA LEU A 289 10.78 -0.60 -24.44
C LEU A 289 10.60 0.91 -24.33
N MET A 290 11.67 1.66 -24.61
CA MET A 290 11.63 3.11 -24.56
C MET A 290 10.73 3.73 -25.66
N LYS A 291 10.51 3.00 -26.75
CA LYS A 291 9.71 3.51 -27.88
C LYS A 291 8.26 3.02 -27.86
N ALA A 292 7.98 1.97 -27.09
CA ALA A 292 6.65 1.39 -27.05
C ALA A 292 5.60 2.37 -26.52
N LYS A 293 4.35 2.19 -26.96
CA LYS A 293 3.24 2.92 -26.37
C LYS A 293 3.13 2.44 -24.91
N PRO A 294 3.01 3.37 -23.95
CA PRO A 294 2.94 2.92 -22.56
C PRO A 294 1.76 2.00 -22.31
N GLN A 295 0.63 2.25 -22.95
CA GLN A 295 -0.53 1.40 -22.73
C GLN A 295 -0.34 -0.04 -23.24
N ASP A 296 0.44 -0.20 -24.32
CA ASP A 296 0.73 -1.54 -24.85
C ASP A 296 1.50 -2.35 -23.81
N LEU A 297 2.53 -1.73 -23.22
CA LEU A 297 3.31 -2.41 -22.20
C LEU A 297 2.51 -2.79 -20.94
N ILE A 298 1.68 -1.87 -20.44
CA ILE A 298 0.90 -2.15 -19.23
C ILE A 298 -0.17 -3.22 -19.50
N LYS A 299 -0.75 -3.19 -20.70
CA LYS A 299 -1.79 -4.15 -21.04
C LYS A 299 -1.23 -5.57 -21.05
N LEU A 300 0.05 -5.70 -21.41
CA LEU A 300 0.68 -7.01 -21.59
C LEU A 300 1.36 -7.49 -20.32
N GLU A 301 1.37 -6.64 -19.30
CA GLU A 301 2.09 -6.96 -18.08
C GLU A 301 1.53 -8.23 -17.43
N GLU A 302 0.22 -8.44 -17.59
CA GLU A 302 -0.45 -9.63 -17.03
C GLU A 302 0.09 -10.96 -17.58
N LYS A 303 0.76 -10.91 -18.72
CA LYS A 303 1.20 -12.11 -19.42
C LYS A 303 2.64 -12.49 -19.13
N VAL A 304 3.33 -11.64 -18.39
CA VAL A 304 4.77 -11.78 -18.25
C VAL A 304 5.21 -12.98 -17.40
N LEU A 305 4.52 -13.25 -16.29
CA LEU A 305 4.96 -14.31 -15.39
C LEU A 305 4.82 -15.69 -16.02
N THR A 306 5.78 -16.58 -15.74
CA THR A 306 5.73 -17.94 -16.27
C THR A 306 4.81 -18.79 -15.42
N LEU A 307 4.50 -19.99 -15.92
CA LEU A 307 3.69 -20.96 -15.16
C LEU A 307 4.38 -21.31 -13.85
N GLU A 308 5.70 -21.45 -13.91
CA GLU A 308 6.54 -21.77 -12.76
C GLU A 308 6.47 -20.68 -11.72
N GLU A 309 6.65 -19.43 -12.17
CA GLU A 309 6.62 -18.31 -11.25
C GLU A 309 5.24 -18.21 -10.58
N ARG A 310 4.17 -18.32 -11.37
CA ARG A 310 2.83 -18.26 -10.80
C ARG A 310 2.63 -19.37 -9.76
N THR A 311 3.09 -20.57 -10.09
CA THR A 311 2.99 -21.73 -9.20
C THR A 311 3.70 -21.46 -7.88
N ASN A 312 4.88 -20.86 -8.00
CA ASN A 312 5.74 -20.53 -6.88
C ASN A 312 5.34 -19.25 -6.15
N LYS A 313 4.17 -18.75 -6.49
CA LYS A 313 3.51 -17.63 -5.79
C LYS A 313 4.13 -16.26 -6.04
N VAL A 314 4.85 -16.09 -7.15
CA VAL A 314 5.22 -14.72 -7.59
C VAL A 314 3.94 -14.08 -8.08
N MET A 315 3.58 -12.94 -7.49
N MET A 315 3.59 -12.95 -7.47
CA MET A 315 2.28 -12.36 -7.78
CA MET A 315 2.30 -12.32 -7.72
C MET A 315 2.34 -11.30 -8.87
C MET A 315 2.34 -11.30 -8.86
N PHE A 316 3.41 -10.52 -8.92
CA PHE A 316 3.53 -9.45 -9.91
C PHE A 316 4.84 -9.58 -10.67
N PRO A 317 4.82 -9.36 -12.00
CA PRO A 317 6.10 -9.45 -12.72
C PRO A 317 7.10 -8.34 -12.39
N PHE A 318 6.60 -7.12 -12.19
CA PHE A 318 7.49 -6.01 -11.85
C PHE A 318 7.10 -5.42 -10.51
N GLY A 319 8.10 -5.22 -9.66
CA GLY A 319 7.84 -4.65 -8.35
C GLY A 319 9.14 -4.21 -7.74
N PRO A 320 9.11 -3.77 -6.47
CA PRO A 320 10.34 -3.46 -5.75
C PRO A 320 11.35 -4.58 -5.86
N THR A 321 12.61 -4.21 -6.04
CA THR A 321 13.66 -5.20 -6.30
C THR A 321 14.96 -4.80 -5.62
N VAL A 322 15.83 -5.77 -5.39
CA VAL A 322 17.18 -5.43 -4.95
C VAL A 322 17.94 -4.95 -6.18
N GLU A 323 18.43 -3.71 -6.14
CA GLU A 323 19.08 -3.11 -7.29
C GLU A 323 20.44 -3.76 -7.51
N PRO A 324 20.78 -4.01 -8.79
CA PRO A 324 21.97 -4.79 -9.15
C PRO A 324 23.29 -4.01 -9.02
N TYR A 325 23.19 -2.70 -8.86
CA TYR A 325 24.35 -1.86 -8.67
C TYR A 325 23.95 -0.58 -7.97
N GLN A 326 24.92 0.16 -7.46
CA GLN A 326 24.63 1.36 -6.68
C GLN A 326 24.59 2.61 -7.55
N THR A 327 23.68 3.51 -7.21
CA THR A 327 23.59 4.82 -7.84
C THR A 327 23.29 5.83 -6.76
N ALA A 328 23.44 7.11 -7.08
CA ALA A 328 23.12 8.19 -6.16
C ALA A 328 21.68 8.10 -5.62
N ASP A 329 20.76 7.53 -6.40
CA ASP A 329 19.36 7.53 -5.97
C ASP A 329 18.88 6.15 -5.52
N CYS A 330 19.79 5.19 -5.46
CA CYS A 330 19.49 3.83 -5.02
C CYS A 330 18.63 3.78 -3.75
N VAL A 331 17.52 3.04 -3.79
CA VAL A 331 16.67 2.93 -2.60
C VAL A 331 16.80 1.57 -1.90
N LEU A 332 16.96 0.50 -2.66
CA LEU A 332 17.05 -0.83 -2.07
C LEU A 332 18.32 -1.52 -2.49
N PRO A 333 19.41 -1.34 -1.74
CA PRO A 333 20.68 -1.98 -2.10
C PRO A 333 20.80 -3.43 -1.62
N LYS A 334 19.92 -3.86 -0.73
CA LYS A 334 19.93 -5.21 -0.19
C LYS A 334 18.52 -5.74 -0.05
N HIS A 335 18.39 -7.03 0.23
CA HIS A 335 17.05 -7.61 0.44
C HIS A 335 16.43 -6.99 1.67
N PRO A 336 15.10 -6.87 1.69
CA PRO A 336 14.43 -6.16 2.78
C PRO A 336 14.80 -6.66 4.18
N ARG A 337 14.93 -7.98 4.37
CA ARG A 337 15.36 -8.52 5.67
C ARG A 337 16.72 -7.96 6.09
N GLU A 338 17.64 -7.88 5.14
CA GLU A 338 18.96 -7.33 5.41
C GLU A 338 18.85 -5.85 5.72
N MET A 339 17.94 -5.17 5.02
CA MET A 339 17.76 -3.76 5.25
C MET A 339 17.17 -3.47 6.64
N VAL A 340 16.34 -4.36 7.16
CA VAL A 340 15.77 -4.18 8.51
C VAL A 340 16.86 -4.06 9.58
N LYS A 341 17.97 -4.76 9.36
CA LYS A 341 19.04 -4.83 10.35
C LYS A 341 19.76 -3.51 10.53
N THR A 342 19.53 -2.56 9.63
CA THR A 342 20.24 -1.29 9.68
C THR A 342 19.32 -0.06 9.52
N ALA A 343 18.01 -0.31 9.55
CA ALA A 343 17.03 0.72 9.18
C ALA A 343 16.85 1.83 10.21
N TRP A 344 16.98 3.08 9.77
CA TRP A 344 16.76 4.22 10.65
C TRP A 344 15.33 4.23 11.22
N GLY A 345 14.38 3.76 10.42
CA GLY A 345 12.96 3.79 10.79
C GLY A 345 12.59 2.81 11.89
N ASN A 346 13.53 1.94 12.28
CA ASN A 346 13.28 1.05 13.40
C ASN A 346 13.15 1.84 14.69
N SER A 347 13.64 3.07 14.67
CA SER A 347 13.69 3.88 15.88
C SER A 347 12.74 5.06 15.85
N ILE A 348 11.63 4.94 15.14
CA ILE A 348 10.52 5.89 15.29
C ILE A 348 9.28 5.13 15.74
N PRO A 349 8.40 5.80 16.51
CA PRO A 349 7.12 5.19 16.91
C PRO A 349 6.38 4.59 15.71
N THR A 350 5.89 3.36 15.89
CA THR A 350 5.39 2.55 14.79
C THR A 350 4.10 1.82 15.18
N MET A 351 3.12 1.83 14.29
CA MET A 351 1.89 1.05 14.49
C MET A 351 1.72 0.11 13.29
N MET A 352 1.33 -1.13 13.55
CA MET A 352 1.08 -2.13 12.51
C MET A 352 -0.22 -2.86 12.80
N GLY A 353 -0.85 -3.38 11.75
CA GLY A 353 -2.06 -4.15 11.95
C GLY A 353 -2.50 -4.90 10.72
N ASN A 354 -3.50 -5.75 10.90
CA ASN A 354 -4.10 -6.51 9.81
C ASN A 354 -5.58 -6.64 10.11
N THR A 355 -6.35 -7.07 9.13
CA THR A 355 -7.77 -7.30 9.35
C THR A 355 -7.97 -8.71 9.88
N SER A 356 -9.20 -9.04 10.28
CA SER A 356 -9.45 -10.34 10.91
C SER A 356 -9.73 -11.48 9.92
N TYR A 357 -9.89 -11.19 8.63
CA TYR A 357 -9.93 -12.26 7.61
C TYR A 357 -9.33 -11.77 6.30
N GLU A 358 -8.05 -11.42 6.37
CA GLU A 358 -7.29 -10.87 5.24
C GLU A 358 -7.50 -11.66 3.97
N GLY A 359 -7.28 -12.96 4.07
CA GLY A 359 -7.33 -13.87 2.92
C GLY A 359 -8.64 -13.95 2.14
N LEU A 360 -9.74 -13.49 2.74
CA LEU A 360 -11.00 -13.39 2.03
C LEU A 360 -10.88 -12.57 0.73
N PHE A 361 -9.87 -11.71 0.68
CA PHE A 361 -9.52 -10.92 -0.50
C PHE A 361 -9.35 -11.77 -1.76
N PHE A 362 -9.08 -13.07 -1.60
CA PHE A 362 -8.76 -13.91 -2.76
C PHE A 362 -9.96 -14.74 -3.22
N THR A 363 -11.16 -14.30 -2.84
CA THR A 363 -12.38 -15.00 -3.20
C THR A 363 -12.56 -15.13 -4.72
N SER A 364 -12.33 -14.03 -5.45
CA SER A 364 -12.45 -13.99 -6.91
C SER A 364 -11.54 -14.96 -7.63
N ILE A 365 -10.27 -14.98 -7.24
CA ILE A 365 -9.29 -15.84 -7.88
C ILE A 365 -9.65 -17.31 -7.62
N LEU A 366 -10.09 -17.59 -6.40
CA LEU A 366 -10.53 -18.93 -6.05
C LEU A 366 -11.75 -19.38 -6.84
N LYS A 367 -12.68 -18.46 -7.07
CA LYS A 367 -13.90 -18.79 -7.79
C LYS A 367 -13.57 -19.27 -9.20
N GLN A 368 -12.53 -18.69 -9.80
CA GLN A 368 -12.20 -18.97 -11.19
C GLN A 368 -11.26 -20.15 -11.32
N MET A 369 -10.49 -20.40 -10.26
CA MET A 369 -9.51 -21.48 -10.26
C MET A 369 -9.65 -22.36 -9.01
N PRO A 370 -10.73 -23.17 -8.96
CA PRO A 370 -11.04 -24.04 -7.82
C PRO A 370 -9.90 -24.99 -7.49
N LEU A 371 -9.12 -25.35 -8.51
CA LEU A 371 -8.02 -26.30 -8.36
C LEU A 371 -7.00 -25.85 -7.34
N LEU A 372 -6.92 -24.54 -7.14
CA LEU A 372 -6.02 -23.96 -6.14
C LEU A 372 -6.21 -24.56 -4.77
N VAL A 373 -7.44 -24.97 -4.45
CA VAL A 373 -7.72 -25.53 -3.13
C VAL A 373 -6.93 -26.81 -2.92
N LYS A 374 -6.67 -27.54 -4.01
CA LYS A 374 -5.94 -28.80 -3.93
C LYS A 374 -4.49 -28.60 -3.55
N GLU A 375 -4.00 -27.37 -3.66
CA GLU A 375 -2.65 -27.04 -3.24
C GLU A 375 -2.46 -27.29 -1.75
N LEU A 376 -3.55 -27.35 -1.00
CA LEU A 376 -3.45 -27.51 0.45
C LEU A 376 -3.31 -28.97 0.84
N GLU A 377 -3.32 -29.85 -0.16
CA GLU A 377 -3.16 -31.27 0.13
C GLU A 377 -1.75 -31.57 0.65
N THR A 378 -0.76 -30.83 0.16
CA THR A 378 0.60 -30.91 0.69
C THR A 378 1.10 -29.54 1.14
N CYS A 379 0.46 -28.48 0.66
CA CYS A 379 0.86 -27.09 0.93
C CYS A 379 2.27 -26.72 0.51
N VAL A 380 2.90 -27.51 -0.35
CA VAL A 380 4.29 -27.21 -0.67
C VAL A 380 4.46 -25.87 -1.40
N ASN A 381 3.46 -25.44 -2.18
CA ASN A 381 3.60 -24.19 -2.92
C ASN A 381 3.59 -22.96 -2.02
N PHE A 382 3.12 -23.11 -0.79
CA PHE A 382 3.10 -21.98 0.14
C PHE A 382 4.29 -21.97 1.09
N VAL A 383 5.15 -22.97 1.01
CA VAL A 383 6.41 -22.91 1.75
C VAL A 383 7.19 -21.71 1.24
N PRO A 384 7.73 -20.88 2.14
CA PRO A 384 8.52 -19.70 1.72
C PRO A 384 9.54 -20.09 0.69
N SER A 385 9.60 -19.31 -0.38
CA SER A 385 10.37 -19.67 -1.56
C SER A 385 11.83 -19.89 -1.23
N GLU A 386 12.35 -19.09 -0.29
CA GLU A 386 13.75 -19.21 0.10
C GLU A 386 14.08 -20.59 0.69
N LEU A 387 13.08 -21.23 1.30
CA LEU A 387 13.26 -22.56 1.91
C LEU A 387 12.99 -23.72 0.94
N ALA A 388 12.08 -23.53 -0.01
CA ALA A 388 11.62 -24.64 -0.84
C ALA A 388 12.57 -24.96 -2.00
N ASP A 389 12.63 -26.23 -2.39
CA ASP A 389 13.43 -26.62 -3.56
C ASP A 389 12.68 -26.23 -4.82
N ALA A 390 13.39 -26.23 -5.95
CA ALA A 390 12.86 -25.68 -7.20
C ALA A 390 11.59 -26.39 -7.66
N GLU A 391 11.57 -27.71 -7.58
CA GLU A 391 10.40 -28.47 -8.01
C GLU A 391 9.39 -28.62 -6.86
N ARG A 392 9.78 -28.15 -5.69
CA ARG A 392 9.04 -28.36 -4.45
C ARG A 392 8.71 -29.84 -4.22
N THR A 393 9.69 -30.69 -4.48
CA THR A 393 9.54 -32.13 -4.23
C THR A 393 10.52 -32.69 -3.19
N ALA A 394 11.43 -31.86 -2.69
CA ALA A 394 12.41 -32.34 -1.71
C ALA A 394 11.71 -32.77 -0.44
N PRO A 395 12.18 -33.86 0.19
CA PRO A 395 11.56 -34.34 1.43
C PRO A 395 11.46 -33.26 2.51
N GLU A 396 12.40 -32.33 2.52
CA GLU A 396 12.36 -31.23 3.47
C GLU A 396 11.18 -30.31 3.18
N THR A 397 10.93 -30.05 1.90
CA THR A 397 9.84 -29.17 1.48
C THR A 397 8.48 -29.77 1.82
N LEU A 398 8.36 -31.08 1.66
CA LEU A 398 7.13 -31.78 2.01
C LEU A 398 6.90 -31.67 3.51
N GLU A 399 7.98 -31.73 4.27
CA GLU A 399 7.92 -31.64 5.73
C GLU A 399 7.45 -30.26 6.18
N MET A 400 8.02 -29.22 5.59
CA MET A 400 7.63 -27.85 5.90
C MET A 400 6.18 -27.60 5.49
N GLY A 401 5.79 -28.12 4.32
CA GLY A 401 4.43 -27.93 3.86
C GLY A 401 3.43 -28.58 4.81
N ALA A 402 3.85 -29.69 5.43
CA ALA A 402 2.99 -30.39 6.38
C ALA A 402 2.74 -29.53 7.61
N LYS A 403 3.73 -28.72 7.99
CA LYS A 403 3.55 -27.84 9.14
C LYS A 403 2.46 -26.79 8.83
N ILE A 404 2.45 -26.32 7.60
CA ILE A 404 1.47 -25.36 7.12
C ILE A 404 0.10 -26.01 7.03
N LYS A 405 0.08 -27.24 6.53
CA LYS A 405 -1.16 -27.96 6.36
C LYS A 405 -1.85 -28.19 7.70
N LYS A 406 -1.08 -28.56 8.72
CA LYS A 406 -1.63 -28.76 10.07
C LYS A 406 -2.10 -27.43 10.66
N ALA A 407 -1.54 -26.33 10.19
CA ALA A 407 -1.95 -25.01 10.71
C ALA A 407 -3.31 -24.56 10.17
N HIS A 408 -3.64 -24.94 8.94
CA HIS A 408 -4.81 -24.34 8.27
C HIS A 408 -5.87 -25.31 7.76
N VAL A 409 -5.52 -26.57 7.53
CA VAL A 409 -6.52 -27.53 7.07
C VAL A 409 -7.21 -28.15 8.28
N THR A 410 -8.52 -28.02 8.35
CA THR A 410 -9.26 -28.32 9.57
C THR A 410 -9.94 -29.69 9.52
N GLY A 411 -10.02 -30.27 8.33
CA GLY A 411 -10.68 -31.56 8.16
C GLY A 411 -9.91 -32.47 7.22
N GLU A 412 -10.59 -33.51 6.75
CA GLU A 412 -9.97 -34.52 5.90
C GLU A 412 -9.60 -33.93 4.54
N THR A 413 -10.52 -33.17 3.96
CA THR A 413 -10.25 -32.50 2.70
C THR A 413 -10.23 -30.99 2.90
N PRO A 414 -9.18 -30.33 2.38
CA PRO A 414 -9.07 -28.87 2.52
C PRO A 414 -10.20 -28.14 1.80
N THR A 415 -10.63 -27.02 2.39
CA THR A 415 -11.70 -26.19 1.86
C THR A 415 -11.19 -24.86 1.35
N ALA A 416 -12.08 -24.13 0.68
CA ALA A 416 -11.79 -22.77 0.23
C ALA A 416 -11.51 -21.85 1.42
N ASP A 417 -12.24 -22.01 2.51
CA ASP A 417 -11.96 -21.20 3.68
C ASP A 417 -10.59 -21.54 4.26
N ASN A 418 -10.21 -22.82 4.24
CA ASN A 418 -8.87 -23.19 4.68
C ASN A 418 -7.84 -22.43 3.84
N PHE A 419 -8.06 -22.41 2.52
CA PHE A 419 -7.17 -21.74 1.58
C PHE A 419 -7.04 -20.26 1.91
N MET A 420 -8.16 -19.58 2.13
CA MET A 420 -8.12 -18.15 2.37
C MET A 420 -7.52 -17.85 3.74
N ASP A 421 -7.78 -18.69 4.73
CA ASP A 421 -7.12 -18.55 6.02
C ASP A 421 -5.60 -18.65 5.87
N LEU A 422 -5.15 -19.63 5.09
CA LEU A 422 -3.72 -19.82 4.86
C LEU A 422 -3.16 -18.55 4.21
N CYS A 423 -3.88 -18.02 3.23
CA CYS A 423 -3.45 -16.80 2.53
C CYS A 423 -3.25 -15.64 3.53
N SER A 424 -4.13 -15.51 4.51
CA SER A 424 -3.96 -14.45 5.51
C SER A 424 -2.57 -14.48 6.11
N HIS A 425 -2.05 -15.68 6.36
CA HIS A 425 -0.78 -15.84 7.03
C HIS A 425 0.41 -15.72 6.06
N PHE A 426 0.32 -16.39 4.93
CA PHE A 426 1.39 -16.36 3.93
C PHE A 426 1.67 -14.93 3.46
N TYR A 427 0.61 -14.17 3.24
CA TYR A 427 0.78 -12.85 2.61
C TYR A 427 0.89 -11.71 3.61
N PHE A 428 0.37 -11.91 4.83
CA PHE A 428 0.30 -10.80 5.78
C PHE A 428 0.79 -11.09 7.22
N TRP A 429 0.19 -12.05 7.93
CA TRP A 429 0.55 -12.23 9.35
C TRP A 429 1.97 -12.73 9.54
N PHE A 430 2.39 -13.70 8.72
CA PHE A 430 3.74 -14.24 8.90
C PHE A 430 4.84 -13.20 8.59
N PRO A 431 4.73 -12.45 7.46
CA PRO A 431 5.70 -11.36 7.26
C PRO A 431 5.74 -10.36 8.39
N MET A 432 4.59 -10.07 9.00
CA MET A 432 4.56 -9.14 10.13
C MET A 432 5.37 -9.67 11.31
N HIS A 433 5.20 -10.96 11.60
CA HIS A 433 5.91 -11.64 12.68
C HIS A 433 7.40 -11.58 12.44
N ARG A 434 7.81 -11.91 11.20
CA ARG A 434 9.22 -11.89 10.86
C ARG A 434 9.82 -10.50 11.02
N LEU A 435 9.06 -9.47 10.63
CA LEU A 435 9.54 -8.11 10.75
C LEU A 435 9.71 -7.70 12.22
N LEU A 436 8.72 -8.02 13.04
CA LEU A 436 8.77 -7.62 14.45
C LEU A 436 9.96 -8.24 15.15
N GLN A 437 10.21 -9.52 14.88
CA GLN A 437 11.33 -10.20 15.53
C GLN A 437 12.69 -9.67 15.05
N LEU A 438 12.81 -9.37 13.76
CA LEU A 438 14.06 -8.80 13.25
C LEU A 438 14.29 -7.39 13.79
N ARG A 439 13.23 -6.60 13.83
CA ARG A 439 13.30 -5.23 14.29
C ARG A 439 13.77 -5.15 15.75
N PHE A 440 13.39 -6.12 16.57
CA PHE A 440 13.74 -6.07 18.00
C PHE A 440 15.25 -6.12 18.24
N ASN A 441 16.00 -6.64 17.26
CA ASN A 441 17.46 -6.73 17.39
C ASN A 441 18.20 -5.53 16.82
N HIS A 442 17.46 -4.50 16.39
CA HIS A 442 18.08 -3.30 15.82
C HIS A 442 17.20 -2.07 16.02
N THR A 443 16.96 -1.66 17.26
CA THR A 443 16.12 -0.50 17.51
C THR A 443 16.53 0.24 18.79
N SER A 444 16.33 1.56 18.80
CA SER A 444 16.56 2.37 19.99
C SER A 444 15.61 1.94 21.10
N GLY A 445 14.48 1.36 20.72
CA GLY A 445 13.51 0.88 21.69
C GLY A 445 12.19 1.65 21.61
N THR A 446 12.05 2.48 20.59
CA THR A 446 10.79 3.20 20.40
C THR A 446 9.67 2.17 20.22
N PRO A 447 8.45 2.55 20.64
CA PRO A 447 7.38 1.53 20.69
C PRO A 447 6.80 1.12 19.34
N VAL A 448 6.38 -0.13 19.26
CA VAL A 448 5.53 -0.59 18.17
C VAL A 448 4.19 -1.11 18.71
N TYR A 449 3.09 -0.58 18.18
CA TYR A 449 1.74 -0.96 18.60
C TYR A 449 1.03 -1.78 17.53
N LEU A 450 0.27 -2.79 17.95
CA LEU A 450 -0.50 -3.60 17.00
C LEU A 450 -2.01 -3.41 17.15
N TYR A 451 -2.70 -3.32 16.01
CA TYR A 451 -4.16 -3.36 15.97
C TYR A 451 -4.61 -4.53 15.10
N ARG A 452 -5.87 -4.92 15.27
CA ARG A 452 -6.52 -5.93 14.46
C ARG A 452 -7.89 -5.38 14.05
N PHE A 453 -8.07 -5.09 12.76
CA PHE A 453 -9.33 -4.52 12.33
C PHE A 453 -10.39 -5.60 12.10
N ASP A 454 -11.45 -5.53 12.91
CA ASP A 454 -12.42 -6.61 13.03
C ASP A 454 -13.86 -6.06 13.02
N PHE A 455 -14.08 -5.01 12.23
CA PHE A 455 -15.40 -4.41 12.06
C PHE A 455 -15.96 -4.75 10.68
N ASP A 456 -17.10 -5.44 10.70
CA ASP A 456 -17.73 -5.99 9.50
C ASP A 456 -19.04 -5.31 9.22
N SER A 457 -19.14 -4.68 8.06
CA SER A 457 -20.38 -4.03 7.61
C SER A 457 -20.47 -4.08 6.10
N GLU A 458 -21.68 -4.14 5.58
CA GLU A 458 -21.87 -3.98 4.15
C GLU A 458 -22.76 -2.77 3.88
N ASP A 459 -23.04 -2.00 4.93
CA ASP A 459 -23.84 -0.77 4.78
C ASP A 459 -23.00 0.38 4.25
N LEU A 460 -21.68 0.27 4.38
CA LEU A 460 -20.77 1.24 3.81
C LEU A 460 -19.60 0.43 3.25
N ILE A 461 -19.27 0.63 1.96
CA ILE A 461 -18.19 -0.16 1.33
C ILE A 461 -17.20 0.69 0.53
N ASN A 462 -16.16 0.05 -0.02
CA ASN A 462 -15.29 0.67 -1.02
C ASN A 462 -15.14 -0.25 -2.27
N PRO A 463 -14.65 0.30 -3.40
CA PRO A 463 -14.58 -0.42 -4.68
C PRO A 463 -13.85 -1.77 -4.68
N TYR A 464 -12.87 -1.98 -3.80
CA TYR A 464 -12.24 -3.29 -3.70
C TYR A 464 -13.25 -4.41 -3.45
N ARG A 465 -14.39 -4.09 -2.82
CA ARG A 465 -15.34 -5.15 -2.55
C ARG A 465 -15.86 -5.73 -3.86
N ILE A 466 -15.91 -4.92 -4.92
CA ILE A 466 -16.30 -5.40 -6.23
C ILE A 466 -15.22 -6.32 -6.82
N MET A 467 -13.96 -5.89 -6.72
CA MET A 467 -12.83 -6.68 -7.20
C MET A 467 -12.74 -8.09 -6.59
N ARG A 468 -13.06 -8.19 -5.30
CA ARG A 468 -12.92 -9.45 -4.57
C ARG A 468 -14.21 -10.27 -4.54
N SER A 469 -15.20 -9.85 -5.34
CA SER A 469 -16.51 -10.50 -5.37
C SER A 469 -17.13 -10.63 -3.99
N GLY A 470 -17.12 -9.54 -3.21
CA GLY A 470 -17.51 -9.59 -1.81
C GLY A 470 -18.93 -9.11 -1.50
N ARG A 471 -19.75 -8.95 -2.52
CA ARG A 471 -21.15 -8.60 -2.32
C ARG A 471 -21.84 -9.74 -1.56
N GLY A 472 -22.43 -9.41 -0.41
CA GLY A 472 -23.14 -10.39 0.41
C GLY A 472 -22.21 -11.33 1.15
N VAL A 473 -20.91 -11.05 1.11
CA VAL A 473 -19.92 -11.93 1.73
C VAL A 473 -19.53 -11.43 3.12
N LYS A 474 -19.65 -12.29 4.14
CA LYS A 474 -19.29 -11.90 5.49
C LYS A 474 -17.80 -12.08 5.76
N GLY A 475 -17.25 -11.20 6.60
CA GLY A 475 -15.84 -11.28 6.98
C GLY A 475 -15.10 -9.99 6.67
N VAL A 476 -14.05 -9.71 7.42
CA VAL A 476 -13.31 -8.47 7.24
C VAL A 476 -12.06 -8.69 6.39
N SER A 477 -12.24 -8.49 5.09
CA SER A 477 -11.20 -8.70 4.10
C SER A 477 -10.09 -7.68 4.18
N HIS A 478 -8.93 -8.08 3.67
CA HIS A 478 -7.95 -7.14 3.17
C HIS A 478 -8.67 -6.00 2.42
N THR A 479 -8.31 -4.76 2.78
CA THR A 479 -8.85 -3.48 2.23
C THR A 479 -10.20 -3.02 2.78
N ASP A 480 -10.86 -3.82 3.63
CA ASP A 480 -12.14 -3.39 4.19
C ASP A 480 -12.05 -2.16 5.12
N GLU A 481 -10.88 -1.88 5.68
CA GLU A 481 -10.76 -0.76 6.62
C GLU A 481 -10.68 0.57 5.88
N LEU A 482 -10.31 0.55 4.61
CA LEU A 482 -10.19 1.80 3.87
C LEU A 482 -11.48 2.61 3.90
N THR A 483 -12.60 1.90 3.93
CA THR A 483 -13.94 2.48 3.98
C THR A 483 -14.12 3.49 5.13
N TYR A 484 -13.43 3.26 6.24
CA TYR A 484 -13.64 4.07 7.43
C TYR A 484 -12.58 5.17 7.56
N PHE A 485 -11.68 5.23 6.57
CA PHE A 485 -10.64 6.27 6.52
C PHE A 485 -10.87 7.31 5.43
N PHE A 486 -11.37 6.87 4.29
CA PHE A 486 -11.40 7.68 3.08
C PHE A 486 -12.79 7.70 2.48
N TRP A 487 -13.19 8.84 1.95
CA TRP A 487 -14.38 8.89 1.11
C TRP A 487 -14.09 8.18 -0.21
N ASN A 488 -15.08 7.49 -0.74
CA ASN A 488 -14.98 6.97 -2.10
C ASN A 488 -16.34 7.12 -2.75
N GLN A 489 -16.40 6.95 -4.07
CA GLN A 489 -17.61 7.30 -4.80
C GLN A 489 -18.77 6.33 -4.56
N LEU A 490 -18.50 5.24 -3.84
CA LEU A 490 -19.55 4.30 -3.46
C LEU A 490 -20.12 4.63 -2.07
N ALA A 491 -19.53 5.61 -1.40
CA ALA A 491 -19.95 5.94 -0.04
C ALA A 491 -21.22 6.81 0.00
N LYS A 492 -21.70 7.07 1.21
CA LYS A 492 -22.85 7.93 1.45
C LYS A 492 -22.77 8.51 2.85
N ARG A 493 -23.56 9.56 3.11
CA ARG A 493 -23.68 10.11 4.45
C ARG A 493 -24.35 9.08 5.37
N MET A 494 -23.65 8.67 6.41
CA MET A 494 -24.20 7.75 7.41
C MET A 494 -24.74 8.50 8.63
N PRO A 495 -25.80 7.97 9.26
CA PRO A 495 -26.31 8.58 10.49
C PRO A 495 -25.22 8.65 11.54
N LYS A 496 -25.19 9.72 12.32
CA LYS A 496 -24.11 9.89 13.29
C LYS A 496 -24.15 8.83 14.41
N GLU A 497 -25.30 8.22 14.65
CA GLU A 497 -25.36 7.19 15.68
C GLU A 497 -25.12 5.79 15.12
N SER A 498 -24.84 5.71 13.82
CA SER A 498 -24.64 4.41 13.17
C SER A 498 -23.29 3.81 13.55
N ARG A 499 -23.20 2.48 13.51
CA ARG A 499 -21.94 1.83 13.89
C ARG A 499 -20.84 2.16 12.88
N GLU A 500 -21.22 2.34 11.62
CA GLU A 500 -20.29 2.77 10.57
C GLU A 500 -19.70 4.16 10.85
N TYR A 501 -20.57 5.13 11.18
CA TYR A 501 -20.07 6.47 11.48
C TYR A 501 -19.14 6.47 12.70
N LYS A 502 -19.52 5.74 13.74
CA LYS A 502 -18.70 5.66 14.94
C LYS A 502 -17.33 5.07 14.62
N THR A 503 -17.29 4.15 13.67
CA THR A 503 -16.02 3.53 13.31
C THR A 503 -15.15 4.51 12.54
N ILE A 504 -15.77 5.33 11.70
CA ILE A 504 -15.02 6.39 11.03
C ILE A 504 -14.35 7.29 12.07
N GLU A 505 -15.12 7.72 13.06
CA GLU A 505 -14.56 8.57 14.10
C GLU A 505 -13.42 7.89 14.85
N ARG A 506 -13.60 6.62 15.18
CA ARG A 506 -12.59 5.84 15.92
C ARG A 506 -11.30 5.68 15.13
N MET A 507 -11.42 5.27 13.87
CA MET A 507 -10.22 5.02 13.08
C MET A 507 -9.47 6.32 12.80
N THR A 508 -10.17 7.36 12.35
CA THR A 508 -9.46 8.62 12.08
C THR A 508 -8.96 9.22 13.38
N GLY A 509 -9.70 9.04 14.47
CA GLY A 509 -9.24 9.51 15.76
C GLY A 509 -7.96 8.83 16.24
N ILE A 510 -7.92 7.51 16.17
CA ILE A 510 -6.76 6.74 16.61
C ILE A 510 -5.55 7.10 15.74
N TRP A 511 -5.73 7.12 14.43
CA TRP A 511 -4.63 7.51 13.55
C TRP A 511 -4.14 8.94 13.81
N THR A 512 -5.06 9.87 14.00
CA THR A 512 -4.66 11.24 14.31
C THR A 512 -3.96 11.31 15.68
N GLN A 513 -4.48 10.57 16.65
CA GLN A 513 -3.86 10.53 17.97
C GLN A 513 -2.42 9.99 17.89
N PHE A 514 -2.22 8.87 17.19
CA PHE A 514 -0.89 8.29 17.03
C PHE A 514 0.04 9.22 16.25
N ALA A 515 -0.49 9.85 15.20
CA ALA A 515 0.26 10.80 14.41
C ALA A 515 0.78 11.91 15.31
N THR A 516 -0.07 12.38 16.21
CA THR A 516 0.31 13.50 17.06
C THR A 516 1.38 13.12 18.09
N THR A 517 1.17 12.02 18.80
CA THR A 517 1.99 11.73 19.97
C THR A 517 2.93 10.52 19.88
N GLY A 518 2.69 9.61 18.94
CA GLY A 518 3.46 8.38 18.86
C GLY A 518 2.85 7.33 19.78
N ASN A 519 1.64 7.63 20.24
CA ASN A 519 0.88 6.75 21.10
C ASN A 519 -0.59 6.73 20.67
N PRO A 520 -1.12 5.55 20.29
CA PRO A 520 -2.46 5.58 19.68
C PRO A 520 -3.63 5.64 20.67
N TYR A 521 -3.33 5.65 21.97
CA TYR A 521 -4.37 5.72 22.99
C TYR A 521 -4.80 7.13 23.31
N SER A 522 -6.11 7.32 23.36
CA SER A 522 -6.72 8.52 23.89
C SER A 522 -8.07 8.19 24.50
N ASN A 523 -8.29 8.64 25.74
CA ASN A 523 -9.59 8.43 26.37
C ASN A 523 -10.64 9.39 25.80
N GLU A 524 -10.25 10.17 24.80
CA GLU A 524 -11.15 11.04 24.08
C GLU A 524 -11.88 10.29 22.96
N ILE A 525 -11.46 9.06 22.72
CA ILE A 525 -12.06 8.20 21.71
C ILE A 525 -13.12 7.31 22.32
N GLU A 526 -14.31 7.32 21.73
CA GLU A 526 -15.43 6.53 22.22
C GLU A 526 -15.15 5.03 22.27
N GLY A 527 -15.26 4.45 23.46
CA GLY A 527 -15.07 3.02 23.62
C GLY A 527 -13.67 2.64 24.09
N MET A 528 -12.80 3.62 24.27
CA MET A 528 -11.41 3.35 24.70
C MET A 528 -11.21 3.48 26.21
N GLU A 529 -12.29 3.71 26.96
CA GLU A 529 -12.20 4.01 28.39
C GLU A 529 -11.51 2.92 29.22
N ASN A 530 -11.66 1.66 28.81
CA ASN A 530 -11.06 0.54 29.55
C ASN A 530 -9.86 -0.04 28.81
N VAL A 531 -9.39 0.66 27.79
CA VAL A 531 -8.31 0.13 26.97
C VAL A 531 -6.92 0.44 27.55
N SER A 532 -6.14 -0.61 27.76
N SER A 532 -6.14 -0.62 27.77
CA SER A 532 -4.75 -0.50 28.15
CA SER A 532 -4.74 -0.49 28.14
C SER A 532 -3.88 -1.01 27.01
C SER A 532 -3.90 -1.00 26.99
N TRP A 533 -3.53 -0.11 26.09
CA TRP A 533 -2.86 -0.50 24.85
C TRP A 533 -1.34 -0.41 24.95
N ASP A 534 -0.72 -1.53 25.32
CA ASP A 534 0.72 -1.56 25.49
C ASP A 534 1.41 -1.96 24.21
N PRO A 535 2.59 -1.41 23.95
CA PRO A 535 3.32 -1.84 22.76
C PRO A 535 3.91 -3.23 22.97
N ILE A 536 4.31 -3.88 21.89
CA ILE A 536 4.99 -5.17 21.96
C ILE A 536 6.41 -5.06 22.49
N GLU A 537 6.75 -5.92 23.46
CA GLU A 537 8.12 -6.02 23.98
C GLU A 537 8.87 -7.21 23.37
N LYS A 538 10.18 -7.11 23.29
CA LYS A 538 10.99 -8.19 22.73
C LYS A 538 10.77 -9.51 23.48
N SER A 539 10.52 -9.43 24.78
CA SER A 539 10.38 -10.63 25.59
C SER A 539 8.97 -11.25 25.50
N ASP A 540 8.06 -10.61 24.78
CA ASP A 540 6.70 -11.12 24.69
C ASP A 540 6.67 -12.40 23.86
N GLU A 541 6.09 -13.45 24.43
CA GLU A 541 5.85 -14.68 23.69
C GLU A 541 4.57 -14.60 22.89
N VAL A 542 3.65 -13.75 23.36
CA VAL A 542 2.35 -13.61 22.73
C VAL A 542 2.08 -12.12 22.46
N TYR A 543 1.72 -11.80 21.21
CA TYR A 543 1.42 -10.41 20.84
C TYR A 543 0.08 -9.96 21.36
N LYS A 544 0.02 -8.74 21.89
CA LYS A 544 -1.23 -8.12 22.27
C LYS A 544 -1.64 -7.10 21.22
N CYS A 545 -2.93 -7.02 20.92
CA CYS A 545 -3.38 -6.05 19.93
C CYS A 545 -4.69 -5.39 20.37
N LEU A 546 -4.94 -4.17 19.88
CA LEU A 546 -6.28 -3.61 20.02
C LEU A 546 -7.15 -4.19 18.92
N ASN A 547 -8.10 -5.03 19.32
CA ASN A 547 -9.07 -5.56 18.37
C ASN A 547 -10.18 -4.55 18.18
N ILE A 548 -10.34 -4.07 16.95
CA ILE A 548 -11.30 -3.03 16.63
C ILE A 548 -12.56 -3.62 15.99
N SER A 549 -13.63 -3.69 16.78
N SER A 549 -13.61 -3.74 16.80
CA SER A 549 -14.91 -4.14 16.27
CA SER A 549 -14.91 -4.18 16.32
C SER A 549 -15.97 -3.16 16.74
C SER A 549 -15.96 -3.17 16.78
N ASP A 550 -17.17 -3.64 17.05
CA ASP A 550 -18.20 -2.77 17.62
C ASP A 550 -17.72 -2.29 18.98
N GLU A 551 -17.00 -3.17 19.67
CA GLU A 551 -16.28 -2.81 20.88
C GLU A 551 -14.78 -2.76 20.58
N LEU A 552 -14.08 -1.96 21.36
CA LEU A 552 -12.62 -1.89 21.33
C LEU A 552 -12.05 -2.68 22.49
N LYS A 553 -11.30 -3.74 22.20
CA LYS A 553 -10.88 -4.66 23.23
C LYS A 553 -9.45 -5.13 23.00
N MET A 554 -8.61 -4.97 24.01
CA MET A 554 -7.26 -5.53 23.94
C MET A 554 -7.37 -7.06 24.09
N ILE A 555 -6.74 -7.79 23.18
CA ILE A 555 -6.74 -9.23 23.22
C ILE A 555 -5.38 -9.73 22.78
N ASP A 556 -5.05 -10.96 23.14
CA ASP A 556 -3.95 -11.64 22.50
C ASP A 556 -4.33 -11.92 21.06
N VAL A 557 -3.38 -11.73 20.14
CA VAL A 557 -3.61 -11.96 18.73
C VAL A 557 -4.09 -13.39 18.46
N PRO A 558 -5.32 -13.55 17.98
CA PRO A 558 -5.87 -14.89 17.72
C PRO A 558 -4.99 -15.71 16.79
N GLU A 559 -4.29 -15.03 15.90
CA GLU A 559 -3.47 -15.68 14.87
C GLU A 559 -2.15 -16.23 15.42
N MET A 560 -1.87 -16.00 16.70
CA MET A 560 -0.54 -16.30 17.25
C MET A 560 -0.08 -17.74 17.10
N GLY A 561 -0.98 -18.68 17.36
CA GLY A 561 -0.63 -20.08 17.29
C GLY A 561 -0.19 -20.48 15.89
N LYS A 562 -0.92 -20.03 14.88
CA LYS A 562 -0.57 -20.34 13.51
C LYS A 562 0.73 -19.64 13.14
N ILE A 563 0.89 -18.41 13.62
CA ILE A 563 2.11 -17.66 13.38
C ILE A 563 3.33 -18.47 13.88
N LYS A 564 3.22 -19.08 15.06
CA LYS A 564 4.35 -19.84 15.60
C LYS A 564 4.59 -21.12 14.78
N GLN A 565 3.52 -21.70 14.27
CA GLN A 565 3.62 -22.86 13.40
C GLN A 565 4.39 -22.55 12.10
N TRP A 566 4.18 -21.37 11.54
CA TRP A 566 4.94 -20.99 10.34
C TRP A 566 6.41 -20.80 10.69
N GLU A 567 6.65 -20.14 11.81
CA GLU A 567 8.02 -19.95 12.29
C GLU A 567 8.79 -21.26 12.43
N SER A 568 8.11 -22.33 12.80
CA SER A 568 8.76 -23.62 13.02
C SER A 568 9.36 -24.23 11.74
N MET A 569 8.93 -23.75 10.58
CA MET A 569 9.51 -24.20 9.32
C MET A 569 10.98 -23.78 9.21
N PHE A 570 11.36 -22.78 9.99
CA PHE A 570 12.72 -22.26 9.99
C PHE A 570 13.55 -22.87 11.13
N GLU A 571 13.04 -23.94 11.73
CA GLU A 571 13.71 -24.64 12.81
C GLU A 571 15.17 -24.96 12.50
N LYS A 572 15.43 -25.49 11.31
CA LYS A 572 16.80 -25.83 10.94
C LYS A 572 17.43 -24.78 10.04
N HIS A 573 16.82 -23.60 10.01
CA HIS A 573 17.27 -22.50 9.16
C HIS A 573 16.99 -21.13 9.79
N ARG A 574 17.39 -20.98 11.04
CA ARG A 574 17.14 -19.75 11.80
C ARG A 574 17.75 -18.49 11.17
N ASP A 575 18.90 -18.63 10.52
CA ASP A 575 19.54 -17.47 9.88
C ASP A 575 18.69 -16.92 8.74
N LEU A 576 17.72 -17.69 8.26
CA LEU A 576 16.86 -17.26 7.15
C LEU A 576 15.51 -16.71 7.63
N PHE A 577 15.22 -16.89 8.91
CA PHE A 577 13.98 -16.38 9.50
C PHE A 577 13.91 -14.87 9.52
BR 7NS B . -1.42 -9.80 -1.91
C02 7NS B . -2.03 -8.20 -2.74
C03 7NS B . -1.85 -7.03 -2.04
C04 7NS B . -2.27 -5.86 -2.61
B05 7NS B . -2.04 -4.47 -1.80
O06 7NS B . -1.57 -3.33 -2.47
C08 7NS B . -2.86 -5.84 -3.86
C09 7NS B . -3.04 -7.02 -4.56
N10 7NS B . -3.64 -6.99 -5.85
C11 7NS B . -4.02 -5.93 -6.49
C12 7NS B . -4.67 -6.41 -7.83
C13 7NS B . -4.75 -7.93 -7.75
C14 7NS B . -3.93 -8.29 -6.75
C15 7NS B . -2.63 -8.22 -4.00
#